data_1DEX
#
_entry.id   1DEX
#
_cell.length_a   52.550
_cell.length_b   57.080
_cell.length_c   71.860
_cell.angle_alpha   90.0
_cell.angle_beta   90.0
_cell.angle_gamma   90.0
#
_symmetry.space_group_name_H-M   'P 21 21 21'
#
loop_
_entity.id
_entity.type
_entity.pdbx_description
1 polymer 'RHAMNOGALACTURONAN ACETYLESTERASE'
2 branched alpha-D-mannopyranose-(1-3)-[alpha-D-mannopyranose-(1-6)]alpha-D-mannopyranose-(1-6)-beta-D-mannopyranose-(1-4)-2-acetamido-2-deoxy-beta-D-glucopyranose-(1-4)-2-acetamido-2-deoxy-beta-D-glucopyranose
3 non-polymer 2-acetamido-2-deoxy-beta-D-glucopyranose
4 water water
#
_entity_poly.entity_id   1
_entity_poly.type   'polypeptide(L)'
_entity_poly.pdbx_seq_one_letter_code
;TTVYLAGDSTMAKNGGGSGTNGWGEYLASYLSATVVNDAVAGRSARSYTREGRFENIADVVTAGDYVIVEFGHNDGGSLS
TDNGRTDCSGTGAEVCYSVYDGVNETILTFPAYLENAAKLFTAKGAKVILSSQTPNNPWETGTFVNSPTRFVEYAELAAE
VAGVEYVDHWSYVDSIYETLGNATVNSYFPIDHTHTSPAGAEVVAEAFLKAVVCTGTSLKSVLTTTSFEGTCL
;
_entity_poly.pdbx_strand_id   A
#
loop_
_chem_comp.id
_chem_comp.type
_chem_comp.name
_chem_comp.formula
BMA D-saccharide, beta linking beta-D-mannopyranose 'C6 H12 O6'
MAN D-saccharide, alpha linking alpha-D-mannopyranose 'C6 H12 O6'
NAG D-saccharide, beta linking 2-acetamido-2-deoxy-beta-D-glucopyranose 'C8 H15 N O6'
#
# COMPACT_ATOMS: atom_id res chain seq x y z
N THR A 1 12.77 -15.95 -7.76
CA THR A 1 12.30 -14.94 -6.76
C THR A 1 10.93 -14.46 -7.17
N THR A 2 10.03 -14.36 -6.18
CA THR A 2 8.68 -13.90 -6.45
C THR A 2 8.44 -12.71 -5.53
N VAL A 3 7.69 -11.74 -6.04
CA VAL A 3 7.34 -10.54 -5.30
C VAL A 3 5.83 -10.55 -5.17
N TYR A 4 5.35 -10.63 -3.93
CA TYR A 4 3.92 -10.62 -3.66
C TYR A 4 3.46 -9.23 -3.26
N LEU A 5 2.31 -8.80 -3.79
CA LEU A 5 1.75 -7.50 -3.49
C LEU A 5 0.44 -7.67 -2.73
N ALA A 6 0.30 -6.98 -1.60
CA ALA A 6 -0.90 -7.01 -0.78
C ALA A 6 -1.31 -5.54 -0.67
N GLY A 7 -2.51 -5.24 -1.13
CA GLY A 7 -2.98 -3.87 -1.08
C GLY A 7 -4.43 -3.75 -1.48
N ASP A 8 -4.85 -2.55 -1.84
CA ASP A 8 -6.24 -2.28 -2.20
C ASP A 8 -6.44 -1.88 -3.67
N SER A 9 -7.53 -1.17 -3.96
CA SER A 9 -7.83 -0.75 -5.32
C SER A 9 -6.81 0.17 -5.99
N THR A 10 -6.01 0.86 -5.19
CA THR A 10 -4.99 1.74 -5.72
C THR A 10 -3.80 0.94 -6.23
N MET A 11 -3.78 -0.36 -5.87
CA MET A 11 -2.71 -1.24 -6.27
C MET A 11 -3.17 -2.40 -7.17
N ALA A 12 -4.42 -2.78 -6.98
CA ALA A 12 -4.99 -3.94 -7.67
C ALA A 12 -5.20 -3.86 -9.18
N LYS A 13 -5.19 -5.03 -9.81
CA LYS A 13 -5.48 -5.17 -11.22
C LYS A 13 -6.95 -4.67 -11.40
N ASN A 14 -7.17 -3.79 -12.37
CA ASN A 14 -8.48 -3.18 -12.67
C ASN A 14 -8.84 -2.03 -11.74
N GLY A 15 -7.90 -1.66 -10.86
CA GLY A 15 -8.10 -0.55 -9.93
C GLY A 15 -9.45 -0.50 -9.28
N GLY A 16 -10.13 0.63 -9.47
CA GLY A 16 -11.46 0.83 -8.91
C GLY A 16 -12.58 0.74 -9.94
N GLY A 17 -12.30 0.10 -11.08
CA GLY A 17 -13.31 -0.01 -12.13
C GLY A 17 -13.31 1.18 -13.08
N SER A 18 -14.23 1.16 -14.04
CA SER A 18 -14.38 2.20 -15.07
C SER A 18 -13.09 2.82 -15.64
N GLY A 19 -12.22 1.95 -16.14
CA GLY A 19 -10.98 2.42 -16.74
C GLY A 19 -9.78 2.74 -15.87
N THR A 20 -9.93 2.61 -14.55
CA THR A 20 -8.81 2.87 -13.67
C THR A 20 -8.02 1.58 -13.49
N ASN A 21 -6.79 1.72 -12.99
CA ASN A 21 -5.96 0.57 -12.76
C ASN A 21 -5.08 0.84 -11.57
N GLY A 22 -4.52 -0.23 -11.02
CA GLY A 22 -3.67 -0.14 -9.85
C GLY A 22 -2.21 -0.18 -10.21
N TRP A 23 -1.41 0.46 -9.36
CA TRP A 23 0.03 0.56 -9.60
C TRP A 23 0.82 -0.74 -9.61
N GLY A 24 0.27 -1.78 -8.97
CA GLY A 24 0.95 -3.06 -8.93
C GLY A 24 1.05 -3.66 -10.31
N GLU A 25 0.15 -3.24 -11.20
CA GLU A 25 0.11 -3.70 -12.59
C GLU A 25 1.28 -3.19 -13.43
N TYR A 26 1.98 -2.17 -12.95
CA TYR A 26 3.08 -1.57 -13.70
C TYR A 26 4.48 -1.81 -13.14
N LEU A 27 4.57 -2.74 -12.18
CA LEU A 27 5.84 -3.07 -11.53
C LEU A 27 6.69 -4.10 -12.25
N ALA A 28 6.03 -5.15 -12.74
CA ALA A 28 6.71 -6.26 -13.39
C ALA A 28 7.69 -5.89 -14.49
N SER A 29 7.38 -4.84 -15.25
CA SER A 29 8.25 -4.39 -16.33
C SER A 29 9.63 -4.02 -15.81
N TYR A 30 9.70 -3.55 -14.56
CA TYR A 30 10.96 -3.11 -13.99
C TYR A 30 11.70 -4.06 -13.05
N LEU A 31 11.22 -5.28 -12.90
CA LEU A 31 11.87 -6.23 -12.00
C LEU A 31 12.20 -7.50 -12.73
N SER A 32 13.30 -8.12 -12.35
CA SER A 32 13.69 -9.38 -12.98
C SER A 32 13.08 -10.54 -12.19
N ALA A 33 12.10 -10.23 -11.34
CA ALA A 33 11.41 -11.24 -10.55
C ALA A 33 9.93 -11.35 -10.97
N THR A 34 9.31 -12.49 -10.68
CA THR A 34 7.89 -12.71 -10.96
C THR A 34 7.09 -11.86 -9.98
N VAL A 35 6.05 -11.18 -10.47
CA VAL A 35 5.21 -10.35 -9.62
C VAL A 35 3.82 -10.99 -9.52
N VAL A 36 3.34 -11.15 -8.29
CA VAL A 36 2.02 -11.72 -8.07
C VAL A 36 1.26 -10.63 -7.34
N ASN A 37 0.29 -10.07 -8.04
CA ASN A 37 -0.50 -8.98 -7.50
C ASN A 37 -1.75 -9.54 -6.79
N ASP A 38 -1.67 -9.61 -5.47
CA ASP A 38 -2.77 -10.10 -4.62
C ASP A 38 -3.57 -8.98 -3.98
N ALA A 39 -3.50 -7.77 -4.55
CA ALA A 39 -4.26 -6.65 -4.03
C ALA A 39 -5.71 -6.84 -4.50
N VAL A 40 -6.66 -6.37 -3.70
CA VAL A 40 -8.09 -6.51 -3.99
C VAL A 40 -8.80 -5.23 -3.61
N ALA A 41 -9.67 -4.76 -4.49
CA ALA A 41 -10.42 -3.53 -4.23
C ALA A 41 -11.27 -3.59 -2.95
N GLY A 42 -11.31 -2.50 -2.21
CA GLY A 42 -12.11 -2.43 -1.00
C GLY A 42 -11.55 -2.96 0.30
N ARG A 43 -10.37 -3.57 0.27
CA ARG A 43 -9.75 -4.13 1.48
C ARG A 43 -8.91 -3.16 2.33
N SER A 44 -8.95 -3.39 3.65
CA SER A 44 -8.18 -2.64 4.64
C SER A 44 -7.25 -3.67 5.29
N ALA A 45 -6.39 -3.26 6.24
CA ALA A 45 -5.52 -4.24 6.92
C ALA A 45 -6.40 -5.29 7.66
N ARG A 46 -7.50 -4.83 8.23
CA ARG A 46 -8.47 -5.70 8.93
C ARG A 46 -9.16 -6.75 8.01
N SER A 47 -9.92 -6.30 7.00
CA SER A 47 -10.61 -7.24 6.14
C SER A 47 -9.69 -8.13 5.33
N TYR A 48 -8.50 -7.64 4.97
CA TYR A 48 -7.55 -8.46 4.21
C TYR A 48 -7.10 -9.62 5.14
N THR A 49 -6.95 -9.32 6.44
CA THR A 49 -6.55 -10.34 7.42
C THR A 49 -7.73 -11.31 7.63
N ARG A 50 -8.89 -10.75 7.95
CA ARG A 50 -10.10 -11.54 8.17
C ARG A 50 -10.45 -12.48 7.00
N GLU A 51 -10.26 -12.02 5.77
CA GLU A 51 -10.58 -12.86 4.63
C GLU A 51 -9.52 -13.91 4.33
N GLY A 52 -8.51 -14.01 5.20
CA GLY A 52 -7.45 -14.99 5.03
C GLY A 52 -6.48 -14.70 3.89
N ARG A 53 -6.36 -13.43 3.48
CA ARG A 53 -5.46 -13.10 2.37
C ARG A 53 -3.98 -13.01 2.73
N PHE A 54 -3.67 -12.51 3.91
CA PHE A 54 -2.28 -12.48 4.37
C PHE A 54 -1.86 -13.94 4.60
N GLU A 55 -2.78 -14.78 5.10
CA GLU A 55 -2.46 -16.20 5.39
C GLU A 55 -2.13 -16.98 4.13
N ASN A 56 -2.88 -16.69 3.08
CA ASN A 56 -2.65 -17.35 1.81
C ASN A 56 -1.30 -16.98 1.22
N ILE A 57 -0.86 -15.73 1.38
CA ILE A 57 0.48 -15.39 0.88
C ILE A 57 1.51 -16.19 1.71
N ALA A 58 1.29 -16.23 3.03
CA ALA A 58 2.16 -16.96 3.95
C ALA A 58 2.31 -18.42 3.52
N ASP A 59 1.22 -19.04 3.04
CA ASP A 59 1.27 -20.43 2.57
C ASP A 59 2.24 -20.67 1.40
N VAL A 60 2.23 -19.79 0.41
CA VAL A 60 3.08 -19.96 -0.78
C VAL A 60 4.45 -19.27 -0.80
N VAL A 61 4.62 -18.21 0.00
CA VAL A 61 5.90 -17.52 0.03
C VAL A 61 7.04 -18.43 0.53
N THR A 62 8.22 -18.28 -0.06
CA THR A 62 9.37 -19.07 0.33
C THR A 62 10.52 -18.12 0.66
N ALA A 63 11.57 -18.67 1.25
CA ALA A 63 12.75 -17.87 1.62
C ALA A 63 13.29 -17.12 0.41
N GLY A 64 13.56 -15.84 0.59
CA GLY A 64 14.10 -15.07 -0.52
C GLY A 64 13.07 -14.27 -1.28
N ASP A 65 11.79 -14.60 -1.11
CA ASP A 65 10.74 -13.84 -1.79
C ASP A 65 10.51 -12.52 -1.09
N TYR A 66 9.80 -11.62 -1.76
CA TYR A 66 9.46 -10.31 -1.21
C TYR A 66 7.94 -10.22 -1.08
N VAL A 67 7.48 -9.45 -0.10
CA VAL A 67 6.07 -9.20 0.10
C VAL A 67 6.02 -7.71 0.35
N ILE A 68 5.25 -7.00 -0.45
CA ILE A 68 5.08 -5.56 -0.33
C ILE A 68 3.65 -5.35 0.14
N VAL A 69 3.49 -4.70 1.28
CA VAL A 69 2.20 -4.47 1.87
C VAL A 69 1.92 -2.99 1.94
N GLU A 70 0.77 -2.59 1.40
CA GLU A 70 0.42 -1.18 1.38
C GLU A 70 -1.07 -0.97 1.58
N PHE A 71 -1.45 -0.51 2.76
CA PHE A 71 -2.85 -0.24 3.09
C PHE A 71 -3.00 1.14 3.73
N GLY A 72 -4.25 1.58 3.89
CA GLY A 72 -4.51 2.85 4.53
C GLY A 72 -5.76 3.52 4.02
N HIS A 73 -6.00 3.44 2.70
CA HIS A 73 -7.17 4.08 2.08
C HIS A 73 -8.50 3.70 2.67
N ASN A 74 -8.67 2.41 2.96
CA ASN A 74 -9.93 1.89 3.48
C ASN A 74 -9.94 1.64 4.99
N ASP A 75 -8.89 2.07 5.67
CA ASP A 75 -8.72 1.79 7.09
C ASP A 75 -9.37 2.71 8.12
N GLY A 76 -9.79 3.90 7.70
CA GLY A 76 -10.42 4.81 8.61
C GLY A 76 -11.92 4.57 8.75
N GLY A 77 -12.62 5.60 9.19
CA GLY A 77 -14.05 5.50 9.36
C GLY A 77 -14.41 5.34 10.82
N SER A 78 -15.68 5.06 11.08
CA SER A 78 -16.20 4.87 12.42
C SER A 78 -16.71 3.46 12.67
N LEU A 79 -16.34 2.89 13.82
CA LEU A 79 -16.74 1.55 14.20
C LEU A 79 -18.20 1.47 14.70
N SER A 80 -18.81 2.63 14.93
CA SER A 80 -20.22 2.74 15.37
C SER A 80 -21.14 2.28 14.23
N THR A 81 -20.71 2.50 12.99
CA THR A 81 -21.45 2.07 11.81
C THR A 81 -20.41 1.22 11.08
N ASP A 82 -20.04 0.10 11.70
CA ASP A 82 -19.03 -0.82 11.19
C ASP A 82 -19.24 -1.33 9.77
N ASN A 83 -18.33 -0.94 8.87
CA ASN A 83 -18.37 -1.35 7.46
C ASN A 83 -17.52 -2.59 7.17
N GLY A 84 -16.95 -3.19 8.21
CA GLY A 84 -16.13 -4.37 8.05
C GLY A 84 -14.68 -4.09 7.72
N ARG A 85 -14.35 -2.82 7.51
CA ARG A 85 -13.00 -2.43 7.14
C ARG A 85 -12.22 -1.65 8.19
N THR A 86 -12.91 -0.75 8.88
CA THR A 86 -12.31 0.11 9.89
C THR A 86 -11.53 -0.68 10.94
N ASP A 87 -10.29 -0.27 11.19
CA ASP A 87 -9.45 -0.91 12.20
C ASP A 87 -9.74 -0.27 13.55
N CYS A 88 -9.24 -0.91 14.60
CA CYS A 88 -9.39 -0.38 15.95
C CYS A 88 -8.43 0.84 16.05
N SER A 89 -8.84 1.89 16.78
CA SER A 89 -7.97 3.05 16.97
C SER A 89 -6.76 2.71 17.84
N GLY A 90 -5.66 3.42 17.62
CA GLY A 90 -4.48 3.15 18.42
C GLY A 90 -3.29 2.77 17.59
N THR A 91 -2.13 2.70 18.21
CA THR A 91 -0.92 2.36 17.50
C THR A 91 -0.34 1.05 18.01
N GLY A 92 -0.84 0.55 19.13
CA GLY A 92 -0.31 -0.68 19.69
C GLY A 92 -1.22 -1.88 19.79
N ALA A 93 -1.19 -2.51 20.96
CA ALA A 93 -1.96 -3.70 21.29
C ALA A 93 -3.43 -3.50 21.66
N GLU A 94 -3.97 -2.31 21.42
CA GLU A 94 -5.38 -2.04 21.73
C GLU A 94 -6.27 -3.00 20.94
N VAL A 95 -7.39 -3.38 21.55
CA VAL A 95 -8.33 -4.29 20.94
C VAL A 95 -9.76 -3.73 20.95
N CYS A 96 -10.50 -3.99 19.87
CA CYS A 96 -11.87 -3.51 19.74
C CYS A 96 -12.75 -4.72 19.40
N TYR A 97 -14.04 -4.63 19.72
CA TYR A 97 -14.97 -5.70 19.39
C TYR A 97 -16.15 -5.05 18.70
N SER A 98 -16.64 -5.72 17.67
CA SER A 98 -17.78 -5.23 16.93
C SER A 98 -18.44 -6.37 16.24
N VAL A 99 -19.77 -6.34 16.18
CA VAL A 99 -20.49 -7.39 15.50
C VAL A 99 -20.58 -7.02 14.02
N TYR A 100 -19.94 -7.85 13.20
CA TYR A 100 -19.91 -7.65 11.76
C TYR A 100 -20.07 -9.00 11.07
N ASP A 101 -21.04 -9.05 10.16
CA ASP A 101 -21.29 -10.27 9.41
C ASP A 101 -21.57 -11.51 10.30
N GLY A 102 -22.36 -11.32 11.35
CA GLY A 102 -22.71 -12.43 12.23
C GLY A 102 -21.66 -12.94 13.19
N VAL A 103 -20.57 -12.19 13.38
CA VAL A 103 -19.49 -12.57 14.29
C VAL A 103 -19.16 -11.41 15.22
N ASN A 104 -18.94 -11.66 16.52
CA ASN A 104 -18.52 -10.61 17.46
C ASN A 104 -17.02 -10.66 17.14
N GLU A 105 -16.58 -9.82 16.21
CA GLU A 105 -15.20 -9.81 15.75
C GLU A 105 -14.16 -9.08 16.63
N THR A 106 -13.01 -9.71 16.84
CA THR A 106 -11.92 -9.09 17.58
C THR A 106 -11.15 -8.28 16.51
N ILE A 107 -11.09 -6.97 16.72
CA ILE A 107 -10.45 -6.04 15.79
C ILE A 107 -9.19 -5.40 16.37
N LEU A 108 -8.10 -5.53 15.63
CA LEU A 108 -6.79 -4.99 16.02
C LEU A 108 -6.53 -3.61 15.43
N THR A 109 -5.43 -2.99 15.84
CA THR A 109 -5.07 -1.68 15.31
C THR A 109 -4.41 -1.89 13.93
N PHE A 110 -4.32 -0.82 13.15
CA PHE A 110 -3.68 -0.92 11.82
C PHE A 110 -2.22 -1.42 11.95
N PRO A 111 -1.45 -0.86 12.90
CA PRO A 111 -0.06 -1.34 13.03
C PRO A 111 0.00 -2.80 13.46
N ALA A 112 -0.91 -3.23 14.34
CA ALA A 112 -0.92 -4.63 14.81
C ALA A 112 -1.11 -5.60 13.65
N TYR A 113 -2.08 -5.33 12.76
CA TYR A 113 -2.32 -6.21 11.61
C TYR A 113 -1.09 -6.34 10.72
N LEU A 114 -0.45 -5.21 10.42
CA LEU A 114 0.75 -5.21 9.57
C LEU A 114 1.92 -5.92 10.27
N GLU A 115 2.07 -5.71 11.57
CA GLU A 115 3.15 -6.36 12.30
C GLU A 115 2.95 -7.86 12.32
N ASN A 116 1.71 -8.29 12.55
CA ASN A 116 1.44 -9.73 12.59
C ASN A 116 1.77 -10.36 11.25
N ALA A 117 1.33 -9.72 10.16
CA ALA A 117 1.60 -10.25 8.81
C ALA A 117 3.10 -10.33 8.55
N ALA A 118 3.83 -9.28 8.93
CA ALA A 118 5.29 -9.23 8.73
C ALA A 118 5.98 -10.39 9.47
N LYS A 119 5.51 -10.67 10.69
CA LYS A 119 6.09 -11.76 11.48
C LYS A 119 5.86 -13.12 10.82
N LEU A 120 4.69 -13.36 10.26
CA LEU A 120 4.45 -14.63 9.56
C LEU A 120 5.41 -14.80 8.38
N PHE A 121 5.54 -13.74 7.57
CA PHE A 121 6.39 -13.81 6.38
C PHE A 121 7.87 -13.86 6.71
N THR A 122 8.30 -13.04 7.67
CA THR A 122 9.69 -12.98 8.07
C THR A 122 10.20 -14.31 8.65
N ALA A 123 9.37 -15.00 9.43
CA ALA A 123 9.77 -16.29 10.02
C ALA A 123 10.09 -17.35 8.97
N LYS A 124 9.49 -17.21 7.78
CA LYS A 124 9.73 -18.15 6.68
C LYS A 124 10.91 -17.72 5.83
N GLY A 125 11.47 -16.54 6.09
CA GLY A 125 12.61 -16.06 5.33
C GLY A 125 12.32 -15.10 4.19
N ALA A 126 11.10 -14.57 4.14
CA ALA A 126 10.72 -13.64 3.10
C ALA A 126 11.13 -12.25 3.53
N LYS A 127 11.38 -11.37 2.57
CA LYS A 127 11.73 -9.99 2.87
C LYS A 127 10.47 -9.14 2.77
N VAL A 128 10.10 -8.52 3.89
CA VAL A 128 8.89 -7.74 3.94
C VAL A 128 9.15 -6.25 3.84
N ILE A 129 8.32 -5.60 3.05
CA ILE A 129 8.44 -4.16 2.86
C ILE A 129 7.06 -3.55 3.09
N LEU A 130 6.93 -2.78 4.16
CA LEU A 130 5.69 -2.10 4.43
C LEU A 130 5.80 -0.77 3.67
N SER A 131 4.71 -0.37 3.03
CA SER A 131 4.71 0.87 2.24
C SER A 131 3.51 1.74 2.62
N SER A 132 3.72 3.04 2.77
CA SER A 132 2.64 3.95 3.10
C SER A 132 1.72 4.07 1.90
N GLN A 133 0.44 4.32 2.19
CA GLN A 133 -0.58 4.43 1.17
C GLN A 133 -0.28 5.58 0.21
N THR A 134 -0.80 5.49 -1.01
CA THR A 134 -0.63 6.56 -1.99
C THR A 134 -1.55 7.71 -1.63
N PRO A 135 -1.22 8.93 -2.09
CA PRO A 135 -2.10 10.06 -1.76
C PRO A 135 -3.32 10.18 -2.68
N ASN A 136 -4.41 10.73 -2.13
CA ASN A 136 -5.61 11.03 -2.93
C ASN A 136 -5.21 12.32 -3.69
N ASN A 137 -5.82 12.57 -4.85
CA ASN A 137 -5.54 13.75 -5.67
C ASN A 137 -5.32 15.03 -4.81
N PRO A 138 -4.05 15.47 -4.69
CA PRO A 138 -3.63 16.65 -3.91
C PRO A 138 -3.87 17.97 -4.64
N TRP A 139 -4.28 17.88 -5.91
CA TRP A 139 -4.57 19.05 -6.74
C TRP A 139 -6.06 19.19 -6.92
N GLU A 140 -6.83 18.36 -6.23
CA GLU A 140 -8.28 18.37 -6.33
C GLU A 140 -8.93 19.75 -6.30
N THR A 141 -8.44 20.65 -5.45
CA THR A 141 -9.01 21.99 -5.32
C THR A 141 -8.41 23.03 -6.25
N GLY A 142 -7.46 22.62 -7.08
CA GLY A 142 -6.83 23.59 -7.98
C GLY A 142 -5.47 24.06 -7.50
N THR A 143 -5.19 23.89 -6.21
CA THR A 143 -3.90 24.24 -5.60
C THR A 143 -3.41 22.98 -4.88
N PHE A 144 -2.11 22.88 -4.71
CA PHE A 144 -1.53 21.71 -4.07
C PHE A 144 -1.69 21.69 -2.58
N VAL A 145 -2.23 20.58 -2.09
CA VAL A 145 -2.43 20.39 -0.67
C VAL A 145 -1.70 19.14 -0.20
N ASN A 146 -0.77 19.33 0.72
CA ASN A 146 -0.02 18.21 1.26
C ASN A 146 -0.59 17.81 2.63
N SER A 147 -1.40 16.75 2.68
CA SER A 147 -1.99 16.32 3.95
C SER A 147 -1.96 14.80 4.16
N PRO A 148 -0.88 14.28 4.76
CA PRO A 148 -0.84 12.83 4.97
C PRO A 148 -1.86 12.34 6.00
N THR A 149 -2.25 11.07 5.87
CA THR A 149 -3.21 10.50 6.80
C THR A 149 -2.36 9.89 7.94
N ARG A 150 -3.04 9.49 9.01
CA ARG A 150 -2.33 8.90 10.12
C ARG A 150 -1.71 7.56 9.71
N PHE A 151 -2.29 6.92 8.69
CA PHE A 151 -1.78 5.63 8.22
C PHE A 151 -0.41 5.69 7.59
N VAL A 152 0.03 6.89 7.20
CA VAL A 152 1.36 7.05 6.62
C VAL A 152 2.41 6.81 7.72
N GLU A 153 2.22 7.48 8.86
CA GLU A 153 3.15 7.33 9.96
C GLU A 153 2.97 5.94 10.62
N TYR A 154 1.74 5.45 10.67
CA TYR A 154 1.46 4.12 11.23
C TYR A 154 2.23 3.01 10.53
N ALA A 155 2.38 3.12 9.20
CA ALA A 155 3.11 2.12 8.44
C ALA A 155 4.57 2.19 8.78
N GLU A 156 5.07 3.40 9.01
CA GLU A 156 6.47 3.58 9.36
C GLU A 156 6.75 2.96 10.74
N LEU A 157 5.85 3.22 11.69
CA LEU A 157 5.91 2.69 13.06
C LEU A 157 5.87 1.15 13.00
N ALA A 158 4.96 0.58 12.21
CA ALA A 158 4.84 -0.87 12.09
C ALA A 158 6.13 -1.52 11.60
N ALA A 159 6.80 -0.87 10.65
CA ALA A 159 8.05 -1.40 10.09
C ALA A 159 9.15 -1.37 11.17
N GLU A 160 9.13 -0.32 11.98
CA GLU A 160 10.11 -0.13 13.05
C GLU A 160 9.98 -1.25 14.09
N VAL A 161 8.75 -1.46 14.58
CA VAL A 161 8.42 -2.49 15.58
C VAL A 161 8.64 -3.95 15.08
N ALA A 162 8.22 -4.24 13.84
CA ALA A 162 8.40 -5.58 13.27
C ALA A 162 9.84 -5.86 12.80
N GLY A 163 10.65 -4.81 12.71
CA GLY A 163 12.01 -5.01 12.23
C GLY A 163 12.11 -5.30 10.72
N VAL A 164 11.23 -4.72 9.92
CA VAL A 164 11.28 -4.93 8.47
C VAL A 164 11.56 -3.61 7.72
N GLU A 165 11.55 -3.62 6.39
CA GLU A 165 11.81 -2.40 5.66
C GLU A 165 10.57 -1.57 5.45
N TYR A 166 10.78 -0.27 5.37
CA TYR A 166 9.74 0.72 5.14
C TYR A 166 10.08 1.58 3.90
N VAL A 167 9.09 1.81 3.05
CA VAL A 167 9.25 2.64 1.86
C VAL A 167 8.18 3.70 1.91
N ASP A 168 8.57 4.98 2.00
CA ASP A 168 7.59 6.06 2.06
C ASP A 168 7.04 6.40 0.68
N HIS A 169 6.15 5.53 0.18
CA HIS A 169 5.51 5.67 -1.12
C HIS A 169 4.68 6.95 -1.22
N TRP A 170 4.00 7.30 -0.12
CA TRP A 170 3.20 8.50 -0.03
C TRP A 170 3.97 9.77 -0.43
N SER A 171 5.11 9.96 0.22
CA SER A 171 5.94 11.14 -0.01
C SER A 171 6.49 11.26 -1.42
N TYR A 172 6.93 10.14 -1.96
CA TYR A 172 7.47 10.12 -3.29
C TYR A 172 6.41 10.41 -4.35
N VAL A 173 5.19 9.94 -4.15
CA VAL A 173 4.11 10.23 -5.10
C VAL A 173 3.67 11.71 -4.95
N ASP A 174 3.54 12.19 -3.72
CA ASP A 174 3.12 13.57 -3.52
C ASP A 174 4.15 14.57 -4.03
N SER A 175 5.41 14.20 -3.93
CA SER A 175 6.52 15.01 -4.39
C SER A 175 6.48 15.13 -5.93
N ILE A 176 6.31 14.02 -6.62
CA ILE A 176 6.23 14.04 -8.08
C ILE A 176 4.92 14.71 -8.57
N TYR A 177 3.81 14.50 -7.86
CA TYR A 177 2.53 15.10 -8.23
C TYR A 177 2.67 16.61 -8.11
N GLU A 178 3.40 17.06 -7.09
CA GLU A 178 3.57 18.48 -6.91
C GLU A 178 4.30 19.09 -8.10
N THR A 179 5.32 18.40 -8.60
CA THR A 179 6.08 18.89 -9.73
C THR A 179 5.35 18.74 -11.07
N LEU A 180 4.40 17.79 -11.15
CA LEU A 180 3.65 17.56 -12.38
C LEU A 180 2.68 18.69 -12.70
N GLY A 181 2.10 19.28 -11.65
CA GLY A 181 1.18 20.38 -11.86
C GLY A 181 -0.30 19.98 -11.82
N ASN A 182 -1.14 21.00 -11.68
CA ASN A 182 -2.58 20.84 -11.58
C ASN A 182 -3.29 20.09 -12.71
N ALA A 183 -3.17 20.60 -13.95
CA ALA A 183 -3.83 20.00 -15.12
C ALA A 183 -3.49 18.53 -15.33
N THR A 184 -2.20 18.20 -15.23
CA THR A 184 -1.73 16.83 -15.40
C THR A 184 -2.19 15.86 -14.32
N VAL A 185 -2.03 16.22 -13.05
CA VAL A 185 -2.43 15.30 -11.98
C VAL A 185 -3.94 15.09 -11.97
N ASN A 186 -4.70 16.13 -12.27
CA ASN A 186 -6.14 16.01 -12.32
C ASN A 186 -6.59 15.04 -13.41
N SER A 187 -5.81 14.98 -14.49
CA SER A 187 -6.14 14.07 -15.58
C SER A 187 -5.92 12.60 -15.17
N TYR A 188 -5.16 12.36 -14.10
CA TYR A 188 -4.91 11.01 -13.62
C TYR A 188 -6.07 10.44 -12.84
N PHE A 189 -6.98 11.32 -12.40
CA PHE A 189 -8.14 10.94 -11.60
C PHE A 189 -9.45 11.16 -12.37
N PRO A 190 -9.81 10.18 -13.23
CA PRO A 190 -11.02 10.25 -14.06
C PRO A 190 -12.40 10.24 -13.43
N ILE A 191 -12.59 9.53 -12.32
CA ILE A 191 -13.93 9.44 -11.73
C ILE A 191 -14.11 9.80 -10.26
N ASP A 192 -13.00 9.90 -9.53
CA ASP A 192 -13.02 10.29 -8.12
C ASP A 192 -11.62 10.78 -7.77
N HIS A 193 -11.36 11.05 -6.49
CA HIS A 193 -10.04 11.52 -6.13
C HIS A 193 -9.09 10.46 -5.64
N THR A 194 -9.42 9.20 -5.87
CA THR A 194 -8.60 8.09 -5.38
C THR A 194 -7.99 7.19 -6.47
N HIS A 195 -8.82 6.74 -7.38
CA HIS A 195 -8.39 5.82 -8.43
C HIS A 195 -7.74 6.46 -9.61
N THR A 196 -6.56 5.94 -9.93
CA THR A 196 -5.75 6.43 -11.03
C THR A 196 -6.02 5.74 -12.37
N SER A 197 -5.90 6.53 -13.45
CA SER A 197 -6.01 6.04 -14.82
C SER A 197 -4.68 5.27 -15.08
N PRO A 198 -4.58 4.53 -16.20
CA PRO A 198 -3.32 3.80 -16.47
C PRO A 198 -2.08 4.68 -16.42
N ALA A 199 -2.17 5.91 -16.91
CA ALA A 199 -1.03 6.83 -16.89
C ALA A 199 -0.63 7.18 -15.44
N GLY A 200 -1.65 7.47 -14.61
CA GLY A 200 -1.41 7.80 -13.21
C GLY A 200 -0.86 6.60 -12.43
N ALA A 201 -1.29 5.38 -12.77
CA ALA A 201 -0.81 4.18 -12.11
C ALA A 201 0.69 3.99 -12.42
N GLU A 202 1.08 4.26 -13.67
CA GLU A 202 2.48 4.16 -14.11
C GLU A 202 3.34 5.14 -13.31
N VAL A 203 2.87 6.38 -13.17
CA VAL A 203 3.57 7.41 -12.41
C VAL A 203 3.73 6.96 -10.96
N VAL A 204 2.65 6.41 -10.38
CA VAL A 204 2.67 5.92 -9.00
C VAL A 204 3.68 4.80 -8.83
N ALA A 205 3.73 3.87 -9.79
CA ALA A 205 4.65 2.73 -9.76
C ALA A 205 6.10 3.20 -9.85
N GLU A 206 6.37 4.15 -10.76
CA GLU A 206 7.71 4.72 -10.91
C GLU A 206 8.14 5.42 -9.61
N ALA A 207 7.20 6.08 -8.93
CA ALA A 207 7.51 6.79 -7.68
C ALA A 207 7.89 5.79 -6.57
N PHE A 208 7.27 4.61 -6.58
CA PHE A 208 7.60 3.58 -5.60
C PHE A 208 9.05 3.17 -5.85
N LEU A 209 9.36 2.91 -7.12
CA LEU A 209 10.71 2.50 -7.50
C LEU A 209 11.76 3.60 -7.24
N LYS A 210 11.38 4.86 -7.41
CA LYS A 210 12.27 5.99 -7.11
C LYS A 210 12.61 5.94 -5.61
N ALA A 211 11.59 5.72 -4.76
CA ALA A 211 11.72 5.59 -3.30
C ALA A 211 12.67 4.43 -2.96
N VAL A 212 12.54 3.30 -3.65
CA VAL A 212 13.39 2.14 -3.43
C VAL A 212 14.88 2.41 -3.68
N VAL A 213 15.20 3.03 -4.82
CA VAL A 213 16.58 3.35 -5.18
C VAL A 213 17.17 4.39 -4.23
N CYS A 214 16.38 5.42 -3.94
CA CYS A 214 16.83 6.49 -3.05
C CYS A 214 17.12 6.05 -1.63
N THR A 215 16.27 5.17 -1.10
CA THR A 215 16.42 4.69 0.28
C THR A 215 17.33 3.44 0.44
N GLY A 216 17.60 2.74 -0.66
CA GLY A 216 18.45 1.56 -0.58
C GLY A 216 17.73 0.28 -0.17
N THR A 217 16.41 0.26 -0.35
CA THR A 217 15.59 -0.90 -0.01
C THR A 217 16.12 -2.15 -0.70
N SER A 218 16.05 -3.30 -0.03
CA SER A 218 16.55 -4.58 -0.55
C SER A 218 16.05 -4.94 -1.95
N LEU A 219 14.85 -4.50 -2.29
CA LEU A 219 14.26 -4.77 -3.60
C LEU A 219 15.16 -4.27 -4.76
N LYS A 220 16.04 -3.31 -4.45
CA LYS A 220 17.01 -2.73 -5.38
C LYS A 220 17.70 -3.83 -6.17
N SER A 221 17.97 -4.97 -5.53
CA SER A 221 18.66 -6.05 -6.20
C SER A 221 17.96 -6.75 -7.37
N VAL A 222 16.65 -6.60 -7.52
CA VAL A 222 15.98 -7.21 -8.67
C VAL A 222 15.40 -6.13 -9.59
N LEU A 223 15.84 -4.88 -9.39
CA LEU A 223 15.40 -3.72 -10.17
C LEU A 223 16.24 -3.70 -11.46
N THR A 224 15.58 -3.60 -12.61
CA THR A 224 16.24 -3.63 -13.92
C THR A 224 16.80 -2.29 -14.40
N THR A 225 16.30 -1.20 -13.82
CA THR A 225 16.69 0.17 -14.18
C THR A 225 16.44 1.13 -13.00
N THR A 226 17.17 2.25 -12.99
CA THR A 226 17.04 3.28 -11.95
C THR A 226 16.73 4.61 -12.60
N SER A 227 16.38 4.58 -13.89
CA SER A 227 16.08 5.81 -14.65
C SER A 227 14.64 6.28 -14.42
N PHE A 228 14.44 7.13 -13.41
CA PHE A 228 13.11 7.64 -13.08
C PHE A 228 13.24 9.11 -12.71
N GLU A 229 12.26 9.91 -13.11
CA GLU A 229 12.28 11.33 -12.80
C GLU A 229 12.08 11.60 -11.31
N GLY A 230 12.33 12.84 -10.91
CA GLY A 230 12.21 13.25 -9.53
C GLY A 230 13.56 13.27 -8.83
N THR A 231 13.51 13.52 -7.53
CA THR A 231 14.70 13.56 -6.71
C THR A 231 14.47 12.72 -5.43
N CYS A 232 15.55 12.48 -4.70
CA CYS A 232 15.46 11.70 -3.47
C CYS A 232 14.92 12.58 -2.35
N LEU A 233 13.89 12.04 -1.68
CA LEU A 233 13.06 12.60 -0.58
C LEU A 233 11.69 13.12 -1.08
C1 NAG B . -6.75 22.53 -12.53
C2 NAG B . -7.32 23.93 -12.77
C3 NAG B . -8.71 23.93 -13.42
C4 NAG B . -8.95 22.80 -14.43
C5 NAG B . -8.39 21.50 -13.89
C6 NAG B . -8.48 20.35 -14.87
C7 NAG B . -7.05 25.84 -11.32
C8 NAG B . -7.28 26.49 -9.95
N2 NAG B . -7.48 24.60 -11.49
O3 NAG B . -8.92 25.19 -14.07
O4 NAG B . -10.38 22.65 -14.61
O5 NAG B . -7.00 21.66 -13.62
O6 NAG B . -7.52 20.49 -15.90
O7 NAG B . -6.43 26.45 -12.20
H1 NAG B . -7.24 22.07 -11.65
H2 NAG B . -6.63 24.44 -13.47
H3 NAG B . -9.47 23.83 -12.63
H4 NAG B . -8.43 23.05 -15.37
H5 NAG B . -8.96 21.23 -12.99
H61 NAG B . -8.25 19.42 -14.33
H62 NAG B . -9.50 20.20 -15.26
H81 NAG B . -8.10 25.99 -9.41
H82 NAG B . -7.56 27.55 -10.06
H83 NAG B . -6.36 26.46 -9.35
HN2 NAG B . -7.90 24.13 -10.74
HO3 NAG B . -8.27 25.29 -14.77
HO6 NAG B . -7.25 21.41 -15.97
C1 NAG B . -10.88 22.59 -15.90
C2 NAG B . -12.37 22.26 -15.83
C3 NAG B . -13.01 22.33 -17.22
C4 NAG B . -12.64 23.64 -17.95
C5 NAG B . -11.13 23.90 -17.87
C6 NAG B . -10.70 25.25 -18.45
C7 NAG B . -12.78 20.75 -13.96
C8 NAG B . -12.95 19.32 -13.49
N2 NAG B . -12.54 20.92 -15.26
O3 NAG B . -14.43 22.26 -17.07
O4 NAG B . -13.05 23.57 -19.34
O5 NAG B . -10.70 23.87 -16.50
O6 NAG B . -11.42 26.34 -17.87
O7 NAG B . -12.84 21.68 -13.15
H1 NAG B . -10.33 21.85 -16.50
H2 NAG B . -12.86 23.04 -15.22
H3 NAG B . -12.67 21.47 -17.83
H4 NAG B . -13.13 24.45 -17.39
H5 NAG B . -10.58 23.12 -18.42
H61 NAG B . -10.86 25.24 -19.54
H62 NAG B . -9.62 25.39 -18.29
H81 NAG B . -12.56 19.21 -12.47
H82 NAG B . -12.40 18.63 -14.14
H83 NAG B . -14.01 19.05 -13.50
HN2 NAG B . -12.51 20.15 -15.86
HO3 NAG B . -14.73 23.01 -16.54
HO6 NAG B . -11.68 26.11 -16.97
C1 BMA B . -14.24 24.22 -19.69
C2 BMA B . -14.31 24.44 -21.21
C3 BMA B . -15.66 25.05 -21.59
C4 BMA B . -16.80 24.17 -21.06
C5 BMA B . -16.62 23.95 -19.56
C6 BMA B . -17.70 23.03 -19.03
O2 BMA B . -14.11 23.19 -21.89
O3 BMA B . -15.77 25.19 -23.01
O4 BMA B . -18.04 24.84 -21.28
O5 BMA B . -15.34 23.39 -19.27
O6 BMA B . -17.48 22.88 -17.61
H1 BMA B . -14.30 25.18 -19.16
H2 BMA B . -13.47 25.09 -21.49
H3 BMA B . -15.73 26.05 -21.14
H4 BMA B . -16.79 23.20 -21.59
H5 BMA B . -16.71 24.91 -19.03
H61 BMA B . -17.64 22.05 -19.54
H62 BMA B . -18.70 23.46 -19.20
HO2 BMA B . -14.83 22.59 -21.66
HO3 BMA B . -15.05 25.73 -23.34
HO4 BMA B . -18.04 25.68 -20.80
C1 MAN B . -18.41 22.14 -16.88
C2 MAN B . -18.15 22.22 -15.40
C3 MAN B . -16.99 21.29 -15.00
C4 MAN B . -17.23 19.88 -15.55
C5 MAN B . -17.48 19.92 -17.06
C6 MAN B . -17.79 18.55 -17.60
O2 MAN B . -19.34 21.84 -14.69
O3 MAN B . -16.86 21.24 -13.56
O4 MAN B . -16.09 19.07 -15.29
O5 MAN B . -18.58 20.79 -17.35
O6 MAN B . -19.06 18.13 -17.06
H1 MAN B . -17.31 22.05 -17.12
H2 MAN B . -17.95 23.27 -15.14
H3 MAN B . -16.04 21.66 -15.40
H4 MAN B . -18.11 19.45 -15.04
H5 MAN B . -16.54 20.19 -17.58
H61 MAN B . -16.94 17.89 -17.37
H62 MAN B . -17.85 18.60 -18.70
HO2 MAN B . -20.07 22.42 -14.97
HO4 MAN B . -15.95 19.03 -14.34
C1 MAN B . -16.08 22.21 -12.94
C2 MAN B . -15.47 21.76 -11.63
C3 MAN B . -16.56 21.66 -10.57
C4 MAN B . -17.34 22.98 -10.45
C5 MAN B . -17.77 23.62 -11.81
C6 MAN B . -18.06 25.12 -11.59
O2 MAN B . -14.50 22.72 -11.21
O3 MAN B . -15.96 21.34 -9.31
O4 MAN B . -18.51 22.75 -9.66
O5 MAN B . -16.74 23.50 -12.85
O6 MAN B . -18.10 25.81 -12.85
H1 MAN B . -17.12 21.83 -12.80
H2 MAN B . -14.96 20.80 -11.79
H3 MAN B . -17.25 20.83 -10.81
H4 MAN B . -16.68 23.67 -9.91
H5 MAN B . -18.70 23.18 -12.21
H61 MAN B . -17.23 25.59 -11.07
H62 MAN B . -19.07 25.24 -11.17
HO2 MAN B . -13.88 22.91 -11.93
HO3 MAN B . -15.34 22.04 -9.07
HO4 MAN B . -19.09 22.14 -10.12
HO6 MAN B . -18.45 25.23 -13.53
C1 MAN B . -19.36 16.77 -17.24
C2 MAN B . -20.60 16.36 -16.48
C3 MAN B . -20.24 16.27 -14.98
C4 MAN B . -18.98 15.40 -14.74
C5 MAN B . -17.79 15.75 -15.69
C6 MAN B . -16.62 14.73 -15.62
O2 MAN B . -21.06 15.09 -16.99
O3 MAN B . -21.36 15.76 -14.25
O4 MAN B . -18.56 15.59 -13.38
O5 MAN B . -18.26 15.88 -17.06
O6 MAN B . -17.00 13.44 -16.14
H1 MAN B . -18.99 17.37 -16.36
H2 MAN B . -21.41 17.08 -16.69
H3 MAN B . -20.09 17.27 -14.55
H4 MAN B . -19.22 14.38 -14.94
H5 MAN B . -17.32 16.68 -15.32
H61 MAN B . -16.25 14.64 -14.60
H62 MAN B . -15.79 15.11 -16.23
HO2 MAN B . -21.25 15.17 -17.92
HO3 MAN B . -22.12 16.31 -14.41
HO4 MAN B . -18.35 16.52 -13.24
HO6 MAN B . -16.78 13.39 -17.07
C1 NAG C . -17.59 -9.39 22.30
C2 NAG C . -18.77 -8.91 23.17
C3 NAG C . -18.27 -8.05 24.34
C4 NAG C . -17.25 -8.82 25.15
C5 NAG C . -16.12 -9.25 24.24
C6 NAG C . -15.11 -10.08 25.03
C7 NAG C . -20.94 -8.57 22.20
C8 NAG C . -21.84 -7.69 21.35
N2 NAG C . -19.69 -8.15 22.36
O3 NAG C . -19.37 -7.66 25.20
O4 NAG C . -16.75 -8.02 26.24
O5 NAG C . -16.63 -10.06 23.15
O6 NAG C . -14.36 -10.96 24.20
O7 NAG C . -21.37 -9.63 22.67
H1 NAG C . -17.04 -8.56 21.84
H2 NAG C . -19.20 -9.83 23.62
H3 NAG C . -17.80 -7.13 23.95
H4 NAG C . -17.75 -9.71 25.57
H5 NAG C . -15.59 -8.39 23.78
H61 NAG C . -14.40 -9.41 25.54
H62 NAG C . -15.59 -10.68 25.81
H81 NAG C . -21.26 -7.17 20.57
H82 NAG C . -22.34 -6.93 21.98
H83 NAG C . -22.62 -8.29 20.85
HN2 NAG C . -19.40 -7.31 21.95
HO3 NAG C . -19.04 -7.12 25.92
HO4 NAG C . -16.11 -8.52 26.73
HO6 NAG C . -14.14 -10.52 23.38
#